data_4QF7
#
_entry.id   4QF7
#
_cell.length_a   51.180
_cell.length_b   51.180
_cell.length_c   47.960
_cell.angle_alpha   90.00
_cell.angle_beta   90.00
_cell.angle_gamma   90.00
#
_symmetry.space_group_name_H-M   'P 43'
#
loop_
_entity.id
_entity.type
_entity.pdbx_description
1 polymer 'Phospholipase A2 VRV-PL-VIIIa'
2 non-polymer CORTICOSTERONE
3 water water
#
_entity_poly.entity_id   1
_entity_poly.type   'polypeptide(L)'
_entity_poly.pdbx_seq_one_letter_code
;SLLEFGKMILEETGKLAIPSYSSYGCYCGWGGKGTPKDATDRCCFVHDCCYGNLPDCNPKSDRYKYKRVNGAIVCEKGTS
CENRICECDKAAAICFRQNLNTYSKKYMLYPDFLCKGELKC
;
_entity_poly.pdbx_strand_id   A
#
loop_
_chem_comp.id
_chem_comp.type
_chem_comp.name
_chem_comp.formula
C0R non-polymer CORTICOSTERONE 'C21 H30 O4'
#
# COMPACT_ATOMS: atom_id res chain seq x y z
N SER A 1 10.11 1.95 4.95
CA SER A 1 10.66 0.67 4.48
C SER A 1 9.52 -0.34 4.47
N LEU A 2 9.72 -1.44 3.76
CA LEU A 2 8.77 -2.46 3.57
C LEU A 2 8.26 -3.07 4.90
N LEU A 3 9.20 -3.35 5.79
CA LEU A 3 8.84 -3.90 7.12
C LEU A 3 7.99 -2.92 7.94
N GLU A 4 8.33 -1.63 7.89
CA GLU A 4 7.53 -0.58 8.51
C GLU A 4 6.13 -0.45 7.94
N PHE A 5 6.01 -0.54 6.61
CA PHE A 5 4.73 -0.49 5.95
C PHE A 5 3.93 -1.69 6.41
N GLY A 6 4.59 -2.82 6.46
CA GLY A 6 3.92 -4.06 6.92
C GLY A 6 3.29 -3.91 8.30
N LYS A 7 4.01 -3.30 9.20
CA LYS A 7 3.55 -3.04 10.56
C LYS A 7 2.41 -2.01 10.71
N MET A 8 2.52 -1.00 9.91
CA MET A 8 1.48 0.00 9.81
C MET A 8 0.16 -0.65 9.34
N ILE A 9 0.28 -1.52 8.32
CA ILE A 9 -0.89 -2.25 7.76
C ILE A 9 -1.52 -3.13 8.85
N LEU A 10 -0.68 -3.90 9.56
CA LEU A 10 -1.16 -4.76 10.64
C LEU A 10 -1.86 -3.95 11.72
N GLU A 11 -1.22 -2.90 12.20
CA GLU A 11 -1.83 -1.93 13.09
C GLU A 11 -3.21 -1.45 12.65
N GLU A 12 -3.33 -1.03 11.41
CA GLU A 12 -4.59 -0.43 10.91
C GLU A 12 -5.69 -1.47 10.83
N THR A 13 -5.32 -2.64 10.35
CA THR A 13 -6.27 -3.60 9.83
C THR A 13 -6.41 -4.89 10.59
N GLY A 14 -5.44 -5.24 11.45
CA GLY A 14 -5.48 -6.50 12.16
C GLY A 14 -4.81 -7.62 11.40
N LYS A 15 -4.71 -7.44 9.71
CA LYS A 15 -4.15 -8.44 8.83
C LYS A 15 -2.64 -8.28 8.73
N LEU A 16 -1.95 -9.39 8.62
CA LEU A 16 -0.54 -9.40 8.34
C LEU A 16 -0.40 -9.00 6.90
N ALA A 17 0.52 -8.08 6.63
CA ALA A 17 0.73 -7.61 5.26
C ALA A 17 1.13 -8.72 4.28
N ILE A 18 2.05 -9.59 4.70
CA ILE A 18 2.24 -10.89 4.05
C ILE A 18 1.49 -11.93 4.87
N PRO A 19 0.45 -12.55 4.32
CA PRO A 19 -0.02 -12.77 2.96
C PRO A 19 -1.29 -12.04 2.52
N SER A 20 -1.87 -11.19 3.38
CA SER A 20 -3.16 -10.61 3.08
C SER A 20 -3.12 -9.56 2.00
N TYR A 21 -2.01 -8.82 1.89
CA TYR A 21 -1.88 -7.76 0.90
C TYR A 21 -0.68 -7.88 -0.06
N SER A 22 0.26 -8.75 0.19
CA SER A 22 1.45 -8.82 -0.61
C SER A 22 1.23 -9.30 -2.02
N SER A 23 0.20 -10.09 -2.21
CA SER A 23 -0.13 -10.61 -3.52
C SER A 23 -1.56 -10.39 -4.05
N TYR A 24 -2.24 -9.36 -3.54
CA TYR A 24 -3.66 -9.15 -3.73
C TYR A 24 -4.01 -8.42 -5.02
N GLY A 25 -4.78 -9.05 -5.86
CA GLY A 25 -5.25 -8.41 -7.07
C GLY A 25 -4.15 -8.10 -8.07
N CYS A 26 -4.34 -7.02 -8.83
CA CYS A 26 -3.45 -6.66 -9.93
C CYS A 26 -2.38 -5.64 -9.55
N TYR A 27 -2.56 -4.98 -8.42
CA TYR A 27 -1.60 -3.91 -8.05
C TYR A 27 -0.83 -4.10 -6.76
N CYS A 28 -1.34 -4.85 -5.80
CA CYS A 28 -0.67 -4.99 -4.51
C CYS A 28 0.64 -5.81 -4.60
N GLY A 29 1.72 -5.31 -4.05
CA GLY A 29 3.02 -5.97 -4.02
C GLY A 29 3.79 -5.82 -5.30
N TRP A 30 4.62 -6.79 -5.62
CA TRP A 30 5.11 -6.97 -7.01
C TRP A 30 3.85 -6.83 -7.96
N GLY A 31 3.90 -6.27 -9.14
CA GLY A 31 2.80 -6.56 -10.07
C GLY A 31 2.16 -5.72 -11.13
N GLY A 32 1.98 -4.41 -10.84
CA GLY A 32 0.83 -3.60 -11.18
C GLY A 32 0.62 -3.23 -12.63
N LYS A 33 -0.43 -3.83 -13.15
CA LYS A 33 -0.91 -3.71 -14.50
C LYS A 33 -2.38 -4.04 -14.50
N GLY A 34 -3.06 -3.63 -15.54
CA GLY A 34 -4.47 -3.86 -15.69
C GLY A 34 -5.45 -3.07 -14.84
N THR A 35 -6.68 -3.54 -14.80
CA THR A 35 -7.76 -2.86 -14.08
C THR A 35 -7.83 -3.40 -12.64
N PRO A 36 -7.78 -2.52 -11.61
CA PRO A 36 -7.85 -3.04 -10.25
C PRO A 36 -9.16 -3.78 -10.00
N LYS A 37 -9.07 -4.82 -9.21
CA LYS A 37 -10.23 -5.68 -8.99
C LYS A 37 -11.32 -5.18 -8.10
N ASP A 38 -10.94 -4.35 -7.14
CA ASP A 38 -11.79 -3.97 -6.08
C ASP A 38 -11.20 -2.76 -5.36
N ALA A 39 -11.87 -2.27 -4.34
CA ALA A 39 -11.41 -1.07 -3.68
C ALA A 39 -10.02 -1.29 -3.07
N THR A 40 -9.81 -2.43 -2.47
CA THR A 40 -8.53 -2.67 -1.81
C THR A 40 -7.40 -2.62 -2.83
N ASP A 41 -7.63 -3.29 -3.96
CA ASP A 41 -6.66 -3.24 -5.08
C ASP A 41 -6.44 -1.81 -5.55
N ARG A 42 -7.51 -1.02 -5.58
CA ARG A 42 -7.35 0.40 -5.93
C ARG A 42 -6.45 1.14 -4.96
N CYS A 43 -6.54 0.80 -3.67
CA CYS A 43 -5.54 1.30 -2.70
C CYS A 43 -4.11 1.02 -3.15
N CYS A 44 -3.88 -0.20 -3.64
CA CYS A 44 -2.58 -0.61 -4.06
C CYS A 44 -2.19 0.15 -5.33
N PHE A 45 -3.15 0.30 -6.26
CA PHE A 45 -2.90 1.07 -7.44
C PHE A 45 -2.40 2.48 -7.10
N VAL A 46 -3.17 3.17 -6.26
CA VAL A 46 -2.83 4.53 -5.83
C VAL A 46 -1.48 4.55 -5.09
N HIS A 47 -1.22 3.53 -4.27
CA HIS A 47 0.03 3.41 -3.55
C HIS A 47 1.18 3.26 -4.52
N ASP A 48 1.01 2.38 -5.50
CA ASP A 48 1.96 2.20 -6.59
C ASP A 48 2.24 3.53 -7.26
N CYS A 49 1.17 4.25 -7.59
CA CYS A 49 1.32 5.57 -8.21
C CYS A 49 2.09 6.55 -7.33
N CYS A 50 1.80 6.46 -6.03
CA CYS A 50 2.41 7.29 -4.99
C CYS A 50 3.93 7.09 -4.94
N TYR A 51 4.36 5.84 -5.00
CA TYR A 51 5.75 5.51 -5.07
C TYR A 51 6.37 5.94 -6.39
N GLY A 52 5.60 5.78 -7.47
CA GLY A 52 6.03 6.19 -8.80
C GLY A 52 6.28 7.70 -8.89
N ASN A 53 5.59 8.49 -8.07
CA ASN A 53 5.76 9.93 -7.98
C ASN A 53 7.15 10.27 -7.37
N LEU A 54 7.85 9.24 -6.90
CA LEU A 54 9.16 9.38 -6.23
C LEU A 54 10.25 8.45 -6.77
N PRO A 55 10.55 8.70 -8.10
CA PRO A 55 11.54 7.81 -8.72
C PRO A 55 12.94 7.77 -8.08
N ASP A 56 13.38 9.06 -7.24
CA ASP A 56 14.71 8.94 -6.66
C ASP A 56 14.57 8.81 -5.17
N CYS A 57 13.39 8.03 -4.78
CA CYS A 57 13.23 7.50 -3.46
C CYS A 57 13.17 5.98 -3.51
N ASN A 58 13.52 5.31 -2.27
CA ASN A 58 13.66 3.88 -2.21
C ASN A 58 12.76 3.38 -1.08
N PRO A 59 11.49 3.25 -1.37
CA PRO A 59 10.58 2.96 -0.28
C PRO A 59 10.68 1.60 0.37
N LYS A 60 11.36 0.63 -0.24
CA LYS A 60 11.52 -0.67 0.39
C LYS A 60 12.52 -0.60 1.53
N SER A 61 13.53 0.24 1.36
CA SER A 61 14.70 0.26 2.21
C SER A 61 14.76 1.49 3.09
N ASP A 62 14.09 2.54 2.69
CA ASP A 62 14.22 3.79 3.43
C ASP A 62 13.26 3.79 4.63
N ARG A 63 13.83 3.84 5.83
CA ARG A 63 13.01 3.88 7.08
C ARG A 63 12.59 5.28 7.42
N TYR A 64 11.31 5.45 7.72
CA TYR A 64 10.80 6.73 8.20
C TYR A 64 10.29 6.57 9.64
N LYS A 65 10.05 7.68 10.31
CA LYS A 65 9.40 7.60 11.62
C LYS A 65 7.97 8.13 11.55
N TYR A 66 7.09 7.47 12.29
CA TYR A 66 5.75 7.99 12.48
C TYR A 66 5.27 7.71 13.90
N LYS A 67 4.28 8.49 14.29
CA LYS A 67 3.71 8.34 15.59
C LYS A 67 2.22 8.23 15.48
N ARG A 68 1.61 8.02 16.61
CA ARG A 68 0.18 8.02 16.67
C ARG A 68 -0.39 9.14 17.57
N VAL A 69 -1.32 9.90 16.98
CA VAL A 69 -1.97 10.98 17.67
C VAL A 69 -3.48 10.79 17.59
N ASN A 70 -4.05 10.17 18.60
CA ASN A 70 -5.44 9.69 18.57
C ASN A 70 -5.69 8.31 18.03
N GLY A 71 -4.64 7.60 17.74
CA GLY A 71 -4.73 6.46 16.90
C GLY A 71 -4.52 6.90 15.47
N ALA A 72 -4.42 8.20 15.22
CA ALA A 72 -4.16 8.67 13.85
C ALA A 72 -2.68 8.56 13.58
N ILE A 73 -2.33 8.10 12.39
CA ILE A 73 -0.91 8.09 11.93
C ILE A 73 -0.45 9.52 11.64
N VAL A 74 0.67 9.89 12.22
CA VAL A 74 1.28 11.21 11.97
C VAL A 74 2.72 10.96 11.55
N CYS A 75 2.99 11.18 10.29
CA CYS A 75 4.35 11.09 9.78
C CYS A 75 5.24 12.15 10.40
N GLU A 76 6.40 11.74 10.89
CA GLU A 76 7.31 12.68 11.52
C GLU A 76 8.44 13.07 10.60
N LYS A 77 9.03 14.24 10.87
CA LYS A 77 10.07 14.83 10.04
C LYS A 77 11.22 13.92 9.79
N GLY A 78 11.60 13.53 8.44
CA GLY A 78 12.88 12.94 8.16
C GLY A 78 13.42 13.64 6.95
N THR A 79 14.00 12.86 6.05
CA THR A 79 14.41 13.34 4.72
C THR A 79 13.17 13.57 3.91
N SER A 80 13.30 14.36 2.85
CA SER A 80 12.13 14.56 1.98
C SER A 80 11.53 13.24 1.47
N CYS A 81 12.42 12.32 1.06
CA CYS A 81 12.00 11.00 0.63
C CYS A 81 11.23 10.27 1.72
N GLU A 82 11.78 10.28 2.94
CA GLU A 82 11.11 9.58 4.04
C GLU A 82 9.75 10.19 4.34
N ASN A 83 9.64 11.50 4.27
CA ASN A 83 8.37 12.17 4.53
C ASN A 83 7.32 11.72 3.54
N ARG A 84 7.71 11.69 2.25
CA ARG A 84 6.83 11.39 1.14
C ARG A 84 6.48 9.93 1.11
N ILE A 85 7.48 9.08 1.39
CA ILE A 85 7.16 7.65 1.46
C ILE A 85 6.17 7.41 2.60
N CYS A 86 6.44 8.02 3.76
CA CYS A 86 5.53 7.87 4.89
C CYS A 86 4.10 8.23 4.50
N GLU A 87 3.95 9.36 3.85
CA GLU A 87 2.58 9.76 3.42
C GLU A 87 1.94 8.80 2.42
N CYS A 88 2.74 8.22 1.53
CA CYS A 88 2.22 7.17 0.68
C CYS A 88 1.72 5.97 1.45
N ASP A 89 2.58 5.54 2.40
CA ASP A 89 2.24 4.31 3.17
C ASP A 89 1.05 4.53 4.08
N LYS A 90 1.06 5.66 4.76
CA LYS A 90 -0.09 6.05 5.60
C LYS A 90 -1.45 6.02 4.83
N ALA A 91 -1.46 6.60 3.66
CA ALA A 91 -2.64 6.60 2.84
C ALA A 91 -3.11 5.19 2.50
N ALA A 92 -2.17 4.35 2.10
CA ALA A 92 -2.50 2.98 1.73
C ALA A 92 -3.08 2.22 2.95
N ALA A 93 -2.41 2.34 4.11
CA ALA A 93 -2.91 1.64 5.30
C ALA A 93 -4.33 2.08 5.68
N ILE A 94 -4.58 3.39 5.61
CA ILE A 94 -5.90 3.92 5.86
C ILE A 94 -6.92 3.44 4.84
N CYS A 95 -6.51 3.40 3.58
CA CYS A 95 -7.34 2.91 2.51
C CYS A 95 -7.66 1.45 2.72
N PHE A 96 -6.67 0.62 3.10
CA PHE A 96 -6.99 -0.77 3.42
C PHE A 96 -8.08 -0.76 4.49
N ARG A 97 -7.88 0.02 5.56
CA ARG A 97 -8.81 0.04 6.70
C ARG A 97 -10.23 0.39 6.27
N GLN A 98 -10.32 1.41 5.41
CA GLN A 98 -11.60 1.90 4.91
C GLN A 98 -12.30 0.83 4.09
N ASN A 99 -11.54 -0.11 3.54
CA ASN A 99 -12.10 -1.09 2.60
C ASN A 99 -12.08 -2.57 3.05
N LEU A 100 -11.83 -2.78 4.36
CA LEU A 100 -11.95 -4.10 4.96
C LEU A 100 -13.30 -4.74 4.73
N ASN A 101 -14.30 -3.89 4.59
CA ASN A 101 -15.68 -4.36 4.37
C ASN A 101 -15.90 -5.02 3.01
N THR A 102 -14.97 -4.82 2.07
CA THR A 102 -15.06 -5.51 0.79
C THR A 102 -13.81 -6.32 0.47
N TYR A 103 -12.89 -6.43 1.43
CA TYR A 103 -11.71 -7.29 1.26
C TYR A 103 -12.18 -8.72 0.92
N SER A 104 -11.59 -9.30 -0.12
CA SER A 104 -11.97 -10.63 -0.60
C SER A 104 -10.75 -11.54 -0.76
N LYS A 105 -10.75 -12.66 -0.04
CA LYS A 105 -9.64 -13.62 -0.05
C LYS A 105 -9.42 -14.19 -1.45
N LYS A 106 -10.45 -14.16 -2.29
CA LYS A 106 -10.35 -14.67 -3.65
C LYS A 106 -9.34 -13.91 -4.50
N TYR A 107 -9.00 -12.68 -4.09
CA TYR A 107 -8.01 -11.94 -4.82
C TYR A 107 -6.59 -12.18 -4.36
N MET A 108 -6.40 -12.95 -3.29
CA MET A 108 -5.05 -13.31 -2.88
C MET A 108 -4.45 -14.21 -3.95
N LEU A 109 -3.16 -13.96 -4.25
CA LEU A 109 -2.39 -14.77 -5.24
C LEU A 109 -3.01 -14.67 -6.64
N TYR A 110 -3.61 -13.51 -6.91
CA TYR A 110 -4.35 -13.33 -8.15
C TYR A 110 -3.44 -13.46 -9.37
N PRO A 111 -3.88 -14.22 -10.39
CA PRO A 111 -3.11 -14.49 -11.60
C PRO A 111 -2.75 -13.27 -12.43
N ASP A 112 -1.47 -13.18 -12.80
CA ASP A 112 -0.97 -12.00 -13.50
C ASP A 112 -1.77 -11.80 -14.79
N PHE A 113 -2.17 -12.97 -15.56
CA PHE A 113 -2.68 -12.75 -16.91
C PHE A 113 -4.09 -12.16 -16.87
N LEU A 114 -4.72 -12.14 -15.70
CA LEU A 114 -6.06 -11.56 -15.60
C LEU A 114 -5.99 -10.08 -15.34
N CYS A 115 -4.78 -9.54 -15.41
CA CYS A 115 -4.58 -8.12 -15.17
C CYS A 115 -4.30 -7.51 -16.51
N LYS A 116 -5.38 -7.17 -17.17
CA LYS A 116 -5.37 -6.36 -18.36
C LYS A 116 -6.61 -5.49 -18.32
N GLY A 117 -6.48 -4.37 -18.96
CA GLY A 117 -7.30 -3.25 -18.68
C GLY A 117 -6.13 -2.35 -18.44
N GLU A 118 -6.38 -1.08 -18.45
CA GLU A 118 -5.34 -0.14 -18.34
C GLU A 118 -5.75 1.00 -17.42
N LEU A 119 -4.78 1.56 -16.70
CA LEU A 119 -5.10 2.71 -15.91
C LEU A 119 -3.94 3.63 -15.58
N LYS A 120 -4.10 4.86 -16.02
CA LYS A 120 -3.17 5.96 -15.91
C LYS A 120 -3.32 6.52 -14.50
N CYS A 121 -2.05 6.80 -13.76
CA CYS A 121 -2.08 7.26 -12.40
C CYS A 121 -2.82 8.61 -12.32
C1 C0R B . 7.47 -7.71 4.44
C2 C0R B . 8.88 -8.14 4.73
C3 C0R B . 9.33 -9.13 3.71
C4 C0R B . 8.91 -8.94 2.31
C5 C0R B . 7.84 -8.17 2.05
C6 C0R B . 7.25 -8.29 0.66
C7 C0R B . 5.84 -7.85 0.52
C8 C0R B . 5.42 -6.76 1.49
C9 C0R B . 5.75 -6.95 2.93
C10 C0R B . 7.27 -7.20 3.07
C11 C0R B . 5.13 -5.87 3.89
C12 C0R B . 4.19 -4.80 3.24
C13 C0R B . 3.78 -4.98 1.77
C14 C0R B . 3.97 -6.43 1.40
C15 C0R B . 3.26 -6.70 0.14
C16 C0R B . 2.01 -6.15 0.68
C17 C0R B . 2.35 -4.81 1.25
C18 C0R B . 4.75 -4.08 1.07
C19 C0R B . 8.47 -6.52 2.70
C20 C0R B . 1.93 -4.07 0.00
C21 C0R B . 2.79 -3.48 -1.06
O1 C0R B . 10.09 -9.99 4.06
O2 C0R B . 5.92 -5.57 4.88
O3 C0R B . 0.78 -3.95 -0.25
O4 C0R B . 1.96 -3.37 -2.21
#